data_9HFI
#
_entry.id   9HFI
#
_cell.length_a   84.875
_cell.length_b   84.875
_cell.length_c   92.110
_cell.angle_alpha   90.00
_cell.angle_beta   90.00
_cell.angle_gamma   120.00
#
_symmetry.space_group_name_H-M   'P 31 2 1'
#
loop_
_entity.id
_entity.type
_entity.pdbx_description
1 polymer 'Telomeric repeat-binding factor 1'
2 non-polymer GLYCEROL
3 non-polymer (3R)-3-[1-methyl-4-(trifluoromethyl)-1H-imidazol-2-yl]piperidine
4 non-polymer 'DIMETHYL SULFOXIDE'
5 water water
#
_entity_poly.entity_id   1
_entity_poly.type   'polypeptide(L)'
_entity_poly.pdbx_seq_one_letter_code
;SNAQVQVGAPEEEEEEEEDAGLVAEAEAVAAGWMLDFLCLSLCRAFRDGRSEDFRRTRNSAEAIIHGLSSLTACQLRTIY
ICQFLTRIAAGKTLDAQFENDERITPLESALMIWGSIEKEHDKLHEEIQNLIKIQAIAVCMENGNFKEAEEVFERIFGDP
NSHMPFKSKLLMIISQKDTFHSFFQHFSYNHMMEKIKSYVNYVLSEKSSTFLMKAAAKVVESKR
;
_entity_poly.pdbx_strand_id   A
#
# COMPACT_ATOMS: atom_id res chain seq x y z
N GLU A 18 -41.04 -3.33 10.65
CA GLU A 18 -39.59 -3.29 10.55
C GLU A 18 -39.12 -1.83 10.50
N ASP A 19 -38.10 -1.47 11.29
CA ASP A 19 -37.58 -0.10 11.29
C ASP A 19 -36.41 0.01 10.31
N ALA A 20 -36.67 0.54 9.10
CA ALA A 20 -35.70 0.74 8.03
C ALA A 20 -34.42 1.46 8.50
N GLY A 21 -34.55 2.34 9.47
CA GLY A 21 -33.42 3.08 10.02
C GLY A 21 -32.50 2.20 10.83
N LEU A 22 -33.08 1.38 11.73
CA LEU A 22 -32.31 0.47 12.56
C LEU A 22 -31.71 -0.70 11.75
N VAL A 23 -32.26 -1.01 10.56
CA VAL A 23 -31.76 -2.05 9.65
C VAL A 23 -30.54 -1.49 8.93
N ALA A 24 -30.64 -0.25 8.42
CA ALA A 24 -29.52 0.41 7.75
C ALA A 24 -28.35 0.58 8.74
N GLU A 25 -28.66 0.93 10.01
CA GLU A 25 -27.62 1.06 11.04
C GLU A 25 -26.84 -0.23 11.25
N ALA A 26 -27.55 -1.37 11.26
CA ALA A 26 -26.95 -2.69 11.39
C ALA A 26 -26.10 -3.01 10.16
N GLU A 27 -26.59 -2.66 8.97
CA GLU A 27 -25.85 -2.87 7.71
C GLU A 27 -24.55 -2.08 7.69
N ALA A 28 -24.55 -0.86 8.26
CA ALA A 28 -23.34 -0.02 8.39
C ALA A 28 -22.32 -0.63 9.36
N VAL A 29 -22.80 -1.16 10.51
CA VAL A 29 -21.93 -1.83 11.48
C VAL A 29 -21.25 -3.06 10.80
N ALA A 30 -22.04 -3.85 10.06
CA ALA A 30 -21.52 -5.02 9.36
C ALA A 30 -20.57 -4.67 8.24
N ALA A 31 -20.79 -3.52 7.54
CA ALA A 31 -19.91 -3.02 6.47
C ALA A 31 -18.54 -2.66 7.05
N GLY A 32 -18.51 -2.05 8.25
CA GLY A 32 -17.28 -1.68 8.92
C GLY A 32 -16.48 -2.88 9.37
N TRP A 33 -17.20 -3.91 9.81
CA TRP A 33 -16.67 -5.19 10.25
C TRP A 33 -16.08 -5.93 9.05
N MET A 34 -16.75 -5.89 7.90
CA MET A 34 -16.26 -6.53 6.69
C MET A 34 -15.00 -5.81 6.18
N LEU A 35 -14.97 -4.48 6.26
CA LEU A 35 -13.83 -3.68 5.82
C LEU A 35 -12.55 -4.03 6.61
N ASP A 36 -12.65 -4.14 7.95
CA ASP A 36 -11.51 -4.49 8.79
C ASP A 36 -11.01 -5.89 8.50
N PHE A 37 -11.94 -6.83 8.24
CA PHE A 37 -11.58 -8.22 7.93
C PHE A 37 -10.86 -8.27 6.58
N LEU A 38 -11.39 -7.55 5.57
CA LEU A 38 -10.80 -7.53 4.24
C LEU A 38 -9.44 -6.85 4.24
N CYS A 39 -9.23 -5.85 5.10
CA CYS A 39 -7.93 -5.19 5.22
C CYS A 39 -6.88 -6.18 5.76
N LEU A 40 -7.28 -6.94 6.77
CA LEU A 40 -6.47 -7.94 7.43
C LEU A 40 -6.10 -9.06 6.45
N SER A 41 -7.04 -9.45 5.58
CA SER A 41 -6.82 -10.47 4.57
C SER A 41 -5.93 -9.93 3.44
N LEU A 42 -6.02 -8.64 3.13
CA LEU A 42 -5.19 -8.00 2.13
C LEU A 42 -3.75 -7.92 2.65
N CYS A 43 -3.57 -7.55 3.93
CA CYS A 43 -2.25 -7.49 4.57
C CYS A 43 -1.55 -8.85 4.56
N ARG A 44 -2.27 -9.91 4.97
CA ARG A 44 -1.70 -11.25 4.98
C ARG A 44 -1.37 -11.72 3.56
N ALA A 45 -2.25 -11.52 2.55
CA ALA A 45 -1.98 -11.93 1.17
C ALA A 45 -0.77 -11.20 0.64
N PHE A 46 -0.62 -9.90 0.96
CA PHE A 46 0.52 -9.09 0.55
C PHE A 46 1.81 -9.64 1.14
N ARG A 47 1.79 -9.96 2.44
CA ARG A 47 2.92 -10.48 3.16
C ARG A 47 3.33 -11.87 2.66
N ASP A 48 2.33 -12.70 2.34
CA ASP A 48 2.45 -14.08 1.89
C ASP A 48 2.78 -14.25 0.40
N GLY A 49 2.72 -13.17 -0.37
CA GLY A 49 3.02 -13.24 -1.79
C GLY A 49 1.93 -13.87 -2.63
N ARG A 50 0.73 -14.07 -2.04
CA ARG A 50 -0.42 -14.61 -2.74
C ARG A 50 -1.07 -13.52 -3.59
N SER A 51 -0.58 -13.37 -4.84
CA SER A 51 -1.03 -12.38 -5.80
C SER A 51 -2.53 -12.46 -6.13
N GLU A 52 -3.02 -13.65 -6.50
CA GLU A 52 -4.40 -13.81 -6.89
C GLU A 52 -5.35 -13.55 -5.75
N ASP A 53 -4.97 -14.01 -4.55
CA ASP A 53 -5.76 -13.79 -3.34
C ASP A 53 -5.85 -12.29 -3.02
N PHE A 54 -4.73 -11.58 -3.18
CA PHE A 54 -4.64 -10.14 -2.98
C PHE A 54 -5.60 -9.44 -3.96
N ARG A 55 -5.57 -9.83 -5.24
CA ARG A 55 -6.42 -9.28 -6.27
C ARG A 55 -7.90 -9.47 -5.95
N ARG A 56 -8.28 -10.67 -5.52
CA ARG A 56 -9.67 -10.97 -5.20
C ARG A 56 -10.14 -10.25 -3.96
N THR A 57 -9.31 -10.21 -2.92
CA THR A 57 -9.66 -9.53 -1.67
C THR A 57 -9.77 -8.02 -1.89
N ARG A 58 -8.88 -7.44 -2.73
CA ARG A 58 -8.88 -6.03 -3.05
C ARG A 58 -10.18 -5.64 -3.76
N ASN A 59 -10.69 -6.52 -4.65
CA ASN A 59 -11.95 -6.32 -5.35
C ASN A 59 -13.10 -6.31 -4.37
N SER A 60 -13.06 -7.21 -3.37
CA SER A 60 -14.08 -7.30 -2.32
C SER A 60 -14.05 -6.05 -1.46
N ALA A 61 -12.86 -5.58 -1.09
CA ALA A 61 -12.73 -4.37 -0.26
C ALA A 61 -13.27 -3.16 -0.98
N GLU A 62 -12.95 -2.99 -2.28
CA GLU A 62 -13.43 -1.83 -3.01
C GLU A 62 -14.95 -1.80 -3.11
N ALA A 63 -15.57 -2.99 -3.31
CA ALA A 63 -17.02 -3.12 -3.38
C ALA A 63 -17.66 -2.77 -2.03
N ILE A 64 -17.07 -3.23 -0.91
CA ILE A 64 -17.62 -2.94 0.43
C ILE A 64 -17.54 -1.43 0.73
N ILE A 65 -16.40 -0.80 0.38
CA ILE A 65 -16.14 0.63 0.55
C ILE A 65 -17.18 1.45 -0.22
N HIS A 66 -17.51 1.04 -1.44
CA HIS A 66 -18.52 1.72 -2.26
C HIS A 66 -19.92 1.72 -1.67
N GLY A 67 -20.22 0.73 -0.84
CA GLY A 67 -21.51 0.64 -0.17
C GLY A 67 -21.62 1.66 0.94
N LEU A 68 -20.49 1.93 1.62
CA LEU A 68 -20.46 2.91 2.71
C LEU A 68 -20.55 4.36 2.18
N SER A 69 -21.57 5.10 2.62
CA SER A 69 -21.75 6.51 2.21
C SER A 69 -20.77 7.45 2.95
N SER A 70 -20.49 7.11 4.21
CA SER A 70 -19.57 7.95 5.03
C SER A 70 -18.63 7.07 5.85
N LEU A 71 -17.37 7.47 5.98
CA LEU A 71 -16.38 6.73 6.72
C LEU A 71 -15.84 7.55 7.88
N THR A 72 -15.43 6.87 8.94
CA THR A 72 -14.79 7.53 10.09
C THR A 72 -13.29 7.73 9.77
N ALA A 73 -12.55 8.45 10.62
CA ALA A 73 -11.13 8.67 10.43
C ALA A 73 -10.36 7.33 10.44
N CYS A 74 -10.80 6.37 11.28
N CYS A 74 -10.81 6.38 11.29
CA CYS A 74 -10.20 5.06 11.39
CA CYS A 74 -10.21 5.06 11.42
C CYS A 74 -10.39 4.27 10.10
C CYS A 74 -10.41 4.26 10.13
N GLN A 75 -11.62 4.33 9.56
CA GLN A 75 -11.97 3.65 8.31
C GLN A 75 -11.25 4.27 7.12
N LEU A 76 -11.02 5.58 7.15
CA LEU A 76 -10.25 6.24 6.11
C LEU A 76 -8.83 5.75 6.12
N ARG A 77 -8.22 5.61 7.30
CA ARG A 77 -6.87 5.08 7.46
C ARG A 77 -6.77 3.67 6.87
N THR A 78 -7.79 2.82 7.14
CA THR A 78 -7.88 1.44 6.64
C THR A 78 -7.92 1.37 5.11
N ILE A 79 -8.81 2.16 4.47
CA ILE A 79 -8.93 2.16 3.01
C ILE A 79 -7.66 2.69 2.36
N TYR A 80 -7.01 3.69 3.00
CA TYR A 80 -5.77 4.25 2.49
C TYR A 80 -4.64 3.23 2.56
N ILE A 81 -4.64 2.33 3.56
CA ILE A 81 -3.62 1.28 3.64
C ILE A 81 -3.85 0.27 2.51
N CYS A 82 -5.12 -0.10 2.27
CA CYS A 82 -5.46 -1.02 1.19
C CYS A 82 -5.06 -0.46 -0.16
N GLN A 83 -5.21 0.87 -0.36
CA GLN A 83 -4.88 1.55 -1.61
C GLN A 83 -3.39 1.62 -1.80
N PHE A 84 -2.65 1.91 -0.71
CA PHE A 84 -1.20 1.96 -0.70
C PHE A 84 -0.65 0.57 -1.07
N LEU A 85 -1.15 -0.52 -0.45
CA LEU A 85 -0.68 -1.88 -0.76
C LEU A 85 -0.95 -2.28 -2.21
N THR A 86 -2.09 -1.87 -2.77
CA THR A 86 -2.46 -2.17 -4.15
C THR A 86 -1.43 -1.56 -5.11
N ARG A 87 -1.04 -0.30 -4.84
CA ARG A 87 -0.06 0.45 -5.61
C ARG A 87 1.32 -0.17 -5.52
N ILE A 88 1.76 -0.57 -4.31
CA ILE A 88 3.04 -1.21 -4.13
C ILE A 88 3.07 -2.55 -4.87
N ALA A 89 1.97 -3.31 -4.80
CA ALA A 89 1.84 -4.58 -5.49
C ALA A 89 1.96 -4.42 -7.02
N ALA A 90 1.56 -3.26 -7.55
CA ALA A 90 1.61 -2.96 -8.98
C ALA A 90 2.82 -2.12 -9.39
N GLY A 91 3.77 -1.89 -8.48
CA GLY A 91 4.96 -1.06 -8.72
C GLY A 91 5.78 -1.39 -9.94
N LYS A 92 6.06 -2.68 -10.17
CA LYS A 92 6.85 -3.10 -11.34
C LYS A 92 6.01 -3.26 -12.63
N THR A 93 4.71 -2.88 -12.60
CA THR A 93 3.79 -2.91 -13.73
C THR A 93 3.66 -1.48 -14.32
N LEU A 94 4.51 -1.17 -15.31
CA LEU A 94 4.55 0.14 -15.96
N ASN A 100 -3.64 4.10 -16.12
CA ASN A 100 -5.06 3.92 -15.70
C ASN A 100 -5.84 5.19 -16.02
N ASP A 101 -6.01 6.07 -15.03
CA ASP A 101 -6.76 7.34 -15.24
C ASP A 101 -5.78 8.52 -15.23
N GLU A 102 -4.52 8.29 -14.82
CA GLU A 102 -3.53 9.39 -14.73
C GLU A 102 -2.19 8.94 -15.33
N ARG A 103 -1.30 9.90 -15.61
CA ARG A 103 0.03 9.58 -16.16
C ARG A 103 1.09 9.23 -15.13
N ILE A 104 0.82 9.41 -13.84
CA ILE A 104 1.74 9.09 -12.75
C ILE A 104 1.99 7.56 -12.65
N THR A 105 3.18 7.15 -12.14
CA THR A 105 3.48 5.72 -12.00
C THR A 105 2.87 5.14 -10.71
N PRO A 106 2.71 3.79 -10.61
CA PRO A 106 2.12 3.21 -9.39
C PRO A 106 2.87 3.53 -8.09
N LEU A 107 4.22 3.59 -8.12
CA LEU A 107 5.02 3.92 -6.95
C LEU A 107 4.92 5.39 -6.60
N GLU A 108 4.82 6.26 -7.61
CA GLU A 108 4.56 7.70 -7.37
C GLU A 108 3.19 7.88 -6.69
N SER A 109 2.22 7.05 -7.08
CA SER A 109 0.88 7.07 -6.50
C SER A 109 0.92 6.54 -5.07
N ALA A 110 1.71 5.50 -4.80
CA ALA A 110 1.90 4.95 -3.46
C ALA A 110 2.55 6.00 -2.55
N LEU A 111 3.47 6.80 -3.09
CA LEU A 111 4.16 7.87 -2.38
C LEU A 111 3.19 9.00 -1.95
N MET A 112 2.16 9.31 -2.77
CA MET A 112 1.13 10.30 -2.39
C MET A 112 0.26 9.74 -1.28
N ILE A 113 -0.07 8.43 -1.35
CA ILE A 113 -0.91 7.83 -0.32
C ILE A 113 -0.17 7.78 0.99
N TRP A 114 1.11 7.35 0.94
CA TRP A 114 1.99 7.22 2.08
C TRP A 114 2.12 8.51 2.88
N GLY A 115 2.26 9.62 2.17
CA GLY A 115 2.42 10.91 2.83
C GLY A 115 1.12 11.47 3.37
N SER A 116 -0.01 10.94 2.92
CA SER A 116 -1.31 11.44 3.38
C SER A 116 -2.05 10.49 4.32
N ILE A 117 -1.50 9.31 4.63
CA ILE A 117 -2.11 8.40 5.61
C ILE A 117 -1.91 9.07 6.98
N GLU A 118 -2.95 9.13 7.83
CA GLU A 118 -2.81 9.75 9.15
C GLU A 118 -2.06 8.82 10.10
N LYS A 119 -0.73 8.83 10.01
CA LYS A 119 0.15 7.97 10.79
C LYS A 119 1.35 8.76 11.35
N GLU A 120 2.06 8.20 12.34
CA GLU A 120 3.23 8.87 12.90
C GLU A 120 4.37 8.84 11.88
N HIS A 121 5.03 9.99 11.67
CA HIS A 121 6.16 10.09 10.74
C HIS A 121 7.46 9.77 11.51
N ASP A 122 7.64 8.47 11.80
CA ASP A 122 8.77 7.90 12.54
C ASP A 122 9.98 7.58 11.60
N LYS A 123 11.04 6.92 12.11
CA LYS A 123 12.19 6.57 11.28
C LYS A 123 11.80 5.57 10.17
N LEU A 124 10.82 4.68 10.44
CA LEU A 124 10.35 3.71 9.44
C LEU A 124 9.53 4.40 8.34
N HIS A 125 8.80 5.49 8.68
CA HIS A 125 8.02 6.23 7.70
C HIS A 125 8.95 6.86 6.68
N GLU A 126 10.02 7.53 7.16
CA GLU A 126 10.99 8.17 6.28
C GLU A 126 11.78 7.14 5.49
N GLU A 127 12.07 5.98 6.09
CA GLU A 127 12.78 4.89 5.40
C GLU A 127 11.97 4.40 4.22
N ILE A 128 10.68 4.11 4.43
CA ILE A 128 9.79 3.65 3.37
C ILE A 128 9.60 4.72 2.29
N GLN A 129 9.45 5.97 2.70
CA GLN A 129 9.28 7.10 1.78
C GLN A 129 10.46 7.28 0.82
N ASN A 130 11.70 7.25 1.34
CA ASN A 130 12.87 7.43 0.50
C ASN A 130 13.12 6.21 -0.40
N LEU A 131 12.80 5.01 0.09
CA LEU A 131 12.93 3.79 -0.70
C LEU A 131 11.93 3.83 -1.84
N ILE A 132 10.67 4.28 -1.58
CA ILE A 132 9.68 4.39 -2.65
C ILE A 132 10.14 5.44 -3.68
N LYS A 133 10.63 6.63 -3.21
CA LYS A 133 11.13 7.70 -4.10
C LYS A 133 12.21 7.15 -5.05
N ILE A 134 13.21 6.44 -4.47
CA ILE A 134 14.33 5.85 -5.21
C ILE A 134 13.85 4.76 -6.16
N GLN A 135 12.99 3.88 -5.68
CA GLN A 135 12.48 2.78 -6.50
C GLN A 135 11.55 3.21 -7.60
N ALA A 136 10.90 4.39 -7.48
CA ALA A 136 10.00 4.88 -8.53
C ALA A 136 10.80 5.14 -9.82
N ILE A 137 12.05 5.59 -9.67
CA ILE A 137 13.00 5.85 -10.73
C ILE A 137 13.67 4.53 -11.19
N ALA A 138 14.20 3.72 -10.24
CA ALA A 138 14.90 2.47 -10.55
C ALA A 138 14.08 1.48 -11.37
N VAL A 139 12.77 1.31 -11.08
CA VAL A 139 11.95 0.38 -11.85
C VAL A 139 11.74 0.86 -13.30
N CYS A 140 11.79 2.18 -13.55
CA CYS A 140 11.66 2.69 -14.91
C CYS A 140 12.94 2.33 -15.70
N MET A 141 14.11 2.49 -15.07
CA MET A 141 15.41 2.20 -15.65
C MET A 141 15.56 0.71 -15.94
N GLU A 142 15.10 -0.14 -15.01
CA GLU A 142 15.18 -1.58 -15.20
C GLU A 142 14.28 -2.08 -16.33
N ASN A 143 13.18 -1.39 -16.63
CA ASN A 143 12.33 -1.74 -17.78
C ASN A 143 12.86 -1.14 -19.11
N GLY A 144 13.95 -0.38 -19.07
CA GLY A 144 14.52 0.28 -20.24
C GLY A 144 13.86 1.63 -20.54
N ASN A 145 12.97 2.10 -19.66
CA ASN A 145 12.23 3.36 -19.82
C ASN A 145 13.00 4.53 -19.19
N PHE A 146 14.10 4.93 -19.84
CA PHE A 146 14.94 6.01 -19.36
C PHE A 146 14.28 7.40 -19.48
N LYS A 147 13.43 7.63 -20.49
CA LYS A 147 12.71 8.91 -20.58
C LYS A 147 11.71 8.98 -19.41
N GLU A 148 11.04 7.86 -19.09
CA GLU A 148 10.09 7.82 -18.01
C GLU A 148 10.78 8.02 -16.68
N ALA A 149 11.99 7.48 -16.49
CA ALA A 149 12.75 7.65 -15.25
C ALA A 149 13.05 9.14 -15.01
N GLU A 150 13.38 9.89 -16.10
CA GLU A 150 13.64 11.32 -16.09
C GLU A 150 12.36 12.10 -15.72
N GLU A 151 11.19 11.72 -16.30
CA GLU A 151 9.90 12.35 -16.00
C GLU A 151 9.46 12.07 -14.56
N VAL A 152 9.71 10.86 -14.06
CA VAL A 152 9.39 10.48 -12.69
C VAL A 152 10.28 11.30 -11.75
N PHE A 153 11.58 11.44 -12.08
CA PHE A 153 12.53 12.20 -11.27
C PHE A 153 12.11 13.65 -11.09
N GLU A 154 11.75 14.33 -12.19
CA GLU A 154 11.34 15.73 -12.12
C GLU A 154 10.04 15.93 -11.36
N ARG A 155 9.14 14.91 -11.35
CA ARG A 155 7.90 14.99 -10.59
C ARG A 155 8.16 14.79 -9.10
N ILE A 156 9.06 13.84 -8.73
CA ILE A 156 9.40 13.55 -7.34
C ILE A 156 10.36 14.61 -6.74
N PHE A 157 11.30 15.14 -7.53
CA PHE A 157 12.26 16.14 -7.08
C PHE A 157 12.22 17.41 -7.98
N GLY A 158 11.33 18.35 -7.69
CA GLY A 158 11.17 19.55 -8.51
C GLY A 158 11.59 20.88 -7.96
N ASP A 159 12.49 20.92 -6.95
CA ASP A 159 13.03 22.19 -6.41
C ASP A 159 14.28 21.95 -5.55
N PRO A 165 17.55 15.53 -1.03
CA PRO A 165 18.74 14.97 -0.38
C PRO A 165 19.56 14.06 -1.29
N PHE A 166 18.88 13.17 -2.03
CA PHE A 166 19.58 12.29 -2.97
C PHE A 166 19.45 12.75 -4.43
N LYS A 167 18.82 13.93 -4.70
CA LYS A 167 18.60 14.48 -6.03
C LYS A 167 19.89 14.69 -6.84
N SER A 168 20.97 15.12 -6.19
CA SER A 168 22.24 15.34 -6.87
C SER A 168 22.80 14.03 -7.42
N LYS A 169 22.70 12.94 -6.64
CA LYS A 169 23.18 11.62 -7.05
C LYS A 169 22.25 10.96 -8.07
N LEU A 170 20.92 11.01 -7.84
CA LEU A 170 19.95 10.39 -8.75
C LEU A 170 19.97 10.99 -10.15
N LEU A 171 20.09 12.34 -10.27
CA LEU A 171 20.12 13.00 -11.58
C LEU A 171 21.30 12.49 -12.40
N MET A 172 22.46 12.28 -11.75
CA MET A 172 23.68 11.74 -12.32
C MET A 172 23.47 10.30 -12.84
N ILE A 173 22.95 9.40 -11.97
CA ILE A 173 22.67 8.00 -12.30
C ILE A 173 21.71 7.88 -13.51
N ILE A 174 20.63 8.69 -13.52
CA ILE A 174 19.65 8.68 -14.61
C ILE A 174 20.28 9.24 -15.89
N SER A 175 21.06 10.32 -15.77
CA SER A 175 21.73 10.95 -16.91
C SER A 175 22.65 9.99 -17.64
N GLN A 176 23.48 9.24 -16.88
CA GLN A 176 24.42 8.28 -17.46
C GLN A 176 23.83 6.88 -17.66
N LYS A 177 22.50 6.70 -17.44
CA LYS A 177 21.77 5.43 -17.56
C LYS A 177 22.49 4.29 -16.84
N ASP A 178 22.91 4.53 -15.60
CA ASP A 178 23.62 3.54 -14.79
C ASP A 178 22.65 2.71 -13.91
N THR A 179 21.86 1.84 -14.54
CA THR A 179 20.86 0.99 -13.89
C THR A 179 21.44 0.12 -12.76
N PHE A 180 22.71 -0.25 -12.86
CA PHE A 180 23.32 -1.08 -11.83
C PHE A 180 24.29 -0.29 -10.95
N HIS A 181 23.90 0.94 -10.55
CA HIS A 181 24.72 1.73 -9.62
C HIS A 181 24.63 1.06 -8.22
N SER A 182 25.68 1.17 -7.39
CA SER A 182 25.67 0.61 -6.04
C SER A 182 24.61 1.23 -5.13
N PHE A 183 24.22 2.50 -5.40
CA PHE A 183 23.18 3.22 -4.67
C PHE A 183 21.86 2.44 -4.73
N PHE A 184 21.52 1.94 -5.93
CA PHE A 184 20.31 1.14 -6.15
C PHE A 184 20.40 -0.24 -5.49
N GLN A 185 21.61 -0.80 -5.35
CA GLN A 185 21.77 -2.09 -4.71
C GLN A 185 21.55 -2.00 -3.18
N HIS A 186 21.79 -0.81 -2.59
CA HIS A 186 21.48 -0.60 -1.17
C HIS A 186 19.96 -0.34 -1.07
N PHE A 187 19.45 0.67 -1.80
CA PHE A 187 18.04 0.99 -1.77
C PHE A 187 17.30 0.22 -2.85
N SER A 188 17.29 -1.11 -2.73
CA SER A 188 16.68 -2.01 -3.70
C SER A 188 15.17 -2.23 -3.52
N TYR A 189 14.53 -2.94 -4.48
CA TYR A 189 13.12 -3.28 -4.44
C TYR A 189 12.86 -4.18 -3.24
N ASN A 190 13.75 -5.16 -2.96
CA ASN A 190 13.68 -6.05 -1.82
C ASN A 190 13.81 -5.25 -0.52
N HIS A 191 14.78 -4.32 -0.43
CA HIS A 191 14.94 -3.49 0.77
CA HIS A 191 14.97 -3.45 0.74
C HIS A 191 13.68 -2.65 1.01
N MET A 192 13.03 -2.17 -0.07
CA MET A 192 11.79 -1.39 0.02
C MET A 192 10.65 -2.30 0.51
N MET A 193 10.54 -3.46 -0.11
CA MET A 193 9.54 -4.48 0.13
C MET A 193 9.61 -5.04 1.55
N GLU A 194 10.82 -5.11 2.14
CA GLU A 194 10.99 -5.60 3.51
C GLU A 194 10.54 -4.58 4.52
N LYS A 195 10.90 -3.30 4.30
CA LYS A 195 10.47 -2.21 5.17
C LYS A 195 8.93 -2.08 5.12
N ILE A 196 8.33 -2.23 3.93
CA ILE A 196 6.88 -2.19 3.80
C ILE A 196 6.26 -3.40 4.50
N LYS A 197 6.80 -4.61 4.27
CA LYS A 197 6.31 -5.84 4.93
C LYS A 197 6.39 -5.78 6.47
N SER A 198 7.37 -5.03 7.03
CA SER A 198 7.42 -4.88 8.48
C SER A 198 6.38 -3.85 8.97
N TYR A 199 6.03 -2.84 8.12
CA TYR A 199 4.96 -1.91 8.47
C TYR A 199 3.64 -2.70 8.45
N VAL A 200 3.42 -3.51 7.39
CA VAL A 200 2.27 -4.38 7.21
C VAL A 200 2.06 -5.29 8.43
N ASN A 201 3.16 -5.82 9.04
CA ASN A 201 3.07 -6.65 10.23
C ASN A 201 2.56 -5.91 11.47
N TYR A 202 2.76 -4.59 11.55
CA TYR A 202 2.25 -3.80 12.68
C TYR A 202 0.73 -3.61 12.49
N VAL A 203 0.29 -3.32 11.25
CA VAL A 203 -1.13 -3.19 10.92
C VAL A 203 -1.83 -4.53 11.18
N LEU A 204 -1.21 -5.63 10.78
CA LEU A 204 -1.68 -6.99 10.95
C LEU A 204 -1.89 -7.35 12.46
N SER A 205 -0.97 -6.92 13.34
CA SER A 205 -1.11 -7.19 14.77
C SER A 205 -2.22 -6.32 15.39
N GLU A 206 -2.40 -5.10 14.87
CA GLU A 206 -3.41 -4.16 15.34
C GLU A 206 -4.82 -4.64 15.00
N LYS A 207 -5.04 -5.06 13.75
CA LYS A 207 -6.37 -5.51 13.32
C LYS A 207 -6.61 -7.01 13.53
N SER A 208 -5.61 -7.77 14.00
CA SER A 208 -5.78 -9.22 14.25
C SER A 208 -6.93 -9.51 15.24
N SER A 209 -7.23 -8.54 16.14
CA SER A 209 -8.26 -8.63 17.16
C SER A 209 -9.60 -8.00 16.73
N THR A 210 -9.84 -7.82 15.41
CA THR A 210 -11.10 -7.22 14.96
C THR A 210 -12.23 -8.23 15.09
N PHE A 211 -13.48 -7.76 15.17
CA PHE A 211 -14.63 -8.61 15.39
C PHE A 211 -14.74 -9.81 14.45
N LEU A 212 -14.87 -9.58 13.14
CA LEU A 212 -15.09 -10.65 12.18
C LEU A 212 -14.01 -11.74 12.19
N MET A 213 -12.71 -11.40 12.12
CA MET A 213 -11.67 -12.42 12.16
C MET A 213 -11.63 -13.17 13.47
N LYS A 214 -11.80 -12.47 14.61
CA LYS A 214 -11.79 -13.09 15.94
C LYS A 214 -12.94 -14.07 16.08
N ALA A 215 -14.14 -13.71 15.57
CA ALA A 215 -15.29 -14.60 15.65
C ALA A 215 -15.10 -15.81 14.74
N ALA A 216 -14.50 -15.61 13.56
CA ALA A 216 -14.25 -16.69 12.60
C ALA A 216 -13.21 -17.68 13.11
N ALA A 217 -12.10 -17.19 13.69
CA ALA A 217 -11.05 -18.05 14.24
C ALA A 217 -11.59 -18.90 15.38
N LYS A 218 -12.52 -18.35 16.20
CA LYS A 218 -13.16 -19.07 17.31
C LYS A 218 -13.96 -20.27 16.84
N VAL A 219 -14.56 -20.17 15.65
CA VAL A 219 -15.33 -21.27 15.09
C VAL A 219 -14.38 -22.40 14.69
N VAL A 220 -13.26 -22.06 14.03
CA VAL A 220 -12.26 -23.04 13.61
C VAL A 220 -11.70 -23.84 14.79
N GLU A 221 -11.32 -23.14 15.88
CA GLU A 221 -10.80 -23.78 17.09
C GLU A 221 -11.86 -24.68 17.74
N SER A 222 -13.15 -24.33 17.61
CA SER A 222 -14.23 -25.15 18.15
C SER A 222 -14.34 -26.50 17.41
N LYS A 223 -14.00 -26.53 16.11
CA LYS A 223 -14.04 -27.75 15.30
C LYS A 223 -12.82 -28.66 15.56
N ARG A 224 -11.64 -28.06 15.80
CA ARG A 224 -10.38 -28.80 16.03
C ARG A 224 -10.34 -29.52 17.38
#